data_6DI0
#
_entry.id   6DI0
#
_cell.length_a   72.042
_cell.length_b   104.139
_cell.length_c   38.065
_cell.angle_alpha   90.000
_cell.angle_beta   90.000
_cell.angle_gamma   90.000
#
_symmetry.space_group_name_H-M   'P 21 21 2'
#
loop_
_entity.id
_entity.type
_entity.pdbx_description
1 polymer 'Tyrosine-protein kinase BTK'
2 non-polymer 6-(cyclohexylamino)pyridine-3-carboxamide
3 water water
#
_entity_poly.entity_id   1
_entity_poly.type   'polypeptide(L)'
_entity_poly.pdbx_seq_one_letter_code
;GLGYGSWEIDPKDLTFLKELGTGQFGVVKYGKWRGQYDVAIKMIKEGSMSEDEFIEEAKVMMNLSHEKLVQLYGVCTKQR
PIFIITEYMANGCLLNYLREMRHRFQTQQLLEMCKDVCEAMEYLESKQFLHRDLAARNCLVNDQGVVKVSDFGLSRYVLD
DEYTSSVGSKFPVRWSPPEVLMYSKFSSKSDIWAFGVLMWEIYSLGKMPYERFTNSETAEHIAQGLRLYRPHLASEKVYT
IMYSCWHEKADERPTFKILLSNILDVMDEES
;
_entity_poly.pdbx_strand_id   A
#
loop_
_chem_comp.id
_chem_comp.type
_chem_comp.name
_chem_comp.formula
GJG non-polymer 6-(cyclohexylamino)pyridine-3-carboxamide 'C12 H17 N3 O'
#
# COMPACT_ATOMS: atom_id res chain seq x y z
N GLY A 1 21.68 3.24 22.35
CA GLY A 1 22.40 3.74 23.56
C GLY A 1 22.27 5.23 23.76
N LEU A 2 23.25 5.79 24.47
CA LEU A 2 23.27 7.22 24.76
C LEU A 2 23.13 8.02 23.48
N GLY A 3 22.21 8.96 23.49
CA GLY A 3 22.01 9.83 22.34
C GLY A 3 20.91 9.38 21.38
N TYR A 4 20.29 8.24 21.67
CA TYR A 4 19.26 7.67 20.79
C TYR A 4 18.01 7.27 21.55
N GLY A 5 16.86 7.77 21.09
CA GLY A 5 15.57 7.35 21.62
C GLY A 5 15.17 6.02 21.03
N SER A 6 14.05 5.48 21.50
CA SER A 6 13.63 4.14 21.12
C SER A 6 13.29 4.02 19.64
N TRP A 7 12.98 5.15 19.01
CA TRP A 7 12.59 5.17 17.60
C TRP A 7 13.79 5.45 16.70
N GLU A 8 14.96 5.58 17.30
CA GLU A 8 16.18 6.01 16.59
C GLU A 8 17.20 4.90 16.47
N ILE A 9 17.64 4.65 15.24
CA ILE A 9 18.69 3.69 14.96
C ILE A 9 20.00 4.44 14.71
N ASP A 10 21.10 3.88 15.20
CA ASP A 10 22.43 4.43 14.95
C ASP A 10 22.86 4.01 13.56
N PRO A 11 23.01 4.98 12.64
CA PRO A 11 23.37 4.60 11.26
C PRO A 11 24.70 3.89 11.16
N LYS A 12 25.54 4.01 12.19
CA LYS A 12 26.82 3.34 12.16
C LYS A 12 26.64 1.84 12.29
N ASP A 13 25.46 1.40 12.70
CA ASP A 13 25.17 -0.02 12.82
C ASP A 13 24.77 -0.66 11.50
N LEU A 14 24.71 0.16 10.44
CA LEU A 14 24.29 -0.32 9.14
C LEU A 14 25.45 -0.71 8.24
N THR A 15 25.29 -1.82 7.54
CA THR A 15 26.16 -2.25 6.46
C THR A 15 25.28 -2.26 5.20
N PHE A 16 25.72 -1.54 4.18
CA PHE A 16 25.00 -1.44 2.90
C PHE A 16 25.46 -2.52 1.93
N LEU A 17 24.51 -3.23 1.32
CA LEU A 17 24.83 -4.40 0.49
C LEU A 17 24.39 -4.29 -0.98
N LYS A 18 23.19 -3.76 -1.22
CA LYS A 18 22.65 -3.71 -2.58
C LYS A 18 21.72 -2.53 -2.76
N GLU A 19 21.75 -1.90 -3.93
CA GLU A 19 20.75 -0.87 -4.25
C GLU A 19 19.49 -1.55 -4.80
N LEU A 20 18.34 -1.18 -4.25
CA LEU A 20 17.08 -1.83 -4.61
C LEU A 20 16.29 -1.01 -5.63
N GLY A 21 16.52 0.29 -5.64
CA GLY A 21 15.84 1.15 -6.60
C GLY A 21 15.64 2.54 -6.03
N THR A 22 14.99 3.39 -6.82
CA THR A 22 14.72 4.75 -6.40
C THR A 22 13.23 5.05 -6.53
N GLY A 23 12.66 5.63 -5.48
CA GLY A 23 11.27 6.02 -5.50
C GLY A 23 11.13 7.49 -5.19
N GLN A 24 9.92 7.84 -4.75
CA GLN A 24 9.54 9.21 -4.43
C GLN A 24 10.59 9.97 -3.63
N PHE A 25 10.98 9.42 -2.49
CA PHE A 25 11.86 10.13 -1.56
C PHE A 25 13.33 9.90 -1.92
N GLY A 26 13.57 8.95 -2.80
CA GLY A 26 14.91 8.67 -3.22
C GLY A 26 15.22 7.20 -3.15
N VAL A 27 16.48 6.91 -2.91
CA VAL A 27 17.01 5.57 -3.05
C VAL A 27 16.65 4.68 -1.87
N VAL A 28 16.51 3.40 -2.16
CA VAL A 28 16.27 2.37 -1.16
C VAL A 28 17.36 1.33 -1.32
N LYS A 29 17.99 0.95 -0.21
CA LYS A 29 19.07 -0.03 -0.24
C LYS A 29 18.76 -1.21 0.67
N TYR A 30 19.31 -2.36 0.32
CA TYR A 30 19.32 -3.53 1.19
C TYR A 30 20.61 -3.51 2.01
N GLY A 31 20.50 -3.80 3.30
CA GLY A 31 21.69 -3.92 4.12
C GLY A 31 21.46 -4.78 5.35
N LYS A 32 22.44 -4.76 6.23
CA LYS A 32 22.37 -5.44 7.51
C LYS A 32 22.47 -4.46 8.67
N TRP A 33 21.78 -4.79 9.76
CA TRP A 33 21.91 -4.05 11.02
C TRP A 33 22.67 -4.90 12.02
N ARG A 34 23.71 -4.30 12.62
CA ARG A 34 24.63 -5.00 13.51
C ARG A 34 25.07 -6.33 12.95
N GLY A 35 25.45 -6.33 11.68
CA GLY A 35 26.08 -7.46 11.03
C GLY A 35 25.18 -8.61 10.63
N GLN A 36 24.00 -8.71 11.21
CA GLN A 36 23.25 -9.97 11.10
C GLN A 36 21.82 -9.84 10.61
N TYR A 37 21.19 -8.70 10.82
CA TYR A 37 19.77 -8.58 10.58
C TYR A 37 19.46 -7.83 9.29
N ASP A 38 18.73 -8.49 8.40
CA ASP A 38 18.34 -7.90 7.13
C ASP A 38 17.45 -6.69 7.35
N VAL A 39 17.77 -5.59 6.67
CA VAL A 39 16.94 -4.39 6.69
C VAL A 39 16.91 -3.75 5.31
N ALA A 40 15.86 -2.97 5.07
CA ALA A 40 15.85 -2.00 3.97
C ALA A 40 16.10 -0.62 4.56
N ILE A 41 16.84 0.18 3.81
CA ILE A 41 17.22 1.52 4.23
C ILE A 41 16.72 2.51 3.19
N LYS A 42 15.70 3.28 3.59
CA LYS A 42 15.11 4.29 2.72
C LYS A 42 15.79 5.62 2.97
N MET A 43 16.50 6.13 1.97
CA MET A 43 17.21 7.38 2.13
C MET A 43 16.34 8.52 1.61
N ILE A 44 15.95 9.41 2.53
CA ILE A 44 14.95 10.43 2.24
C ILE A 44 15.59 11.69 1.67
N LYS A 45 15.35 11.92 0.39
CA LYS A 45 15.94 13.05 -0.33
C LYS A 45 15.60 14.36 0.36
N GLU A 46 16.59 15.24 0.45
CA GLU A 46 16.39 16.54 1.09
C GLU A 46 15.27 17.29 0.38
N GLY A 47 14.40 17.91 1.15
CA GLY A 47 13.30 18.70 0.60
C GLY A 47 12.06 17.92 0.20
N SER A 48 12.09 16.60 0.34
CA SER A 48 10.98 15.79 -0.14
C SER A 48 9.95 15.51 0.92
N MET A 49 10.34 15.59 2.19
CA MET A 49 9.47 15.16 3.30
C MET A 49 9.36 16.24 4.39
N SER A 50 8.17 16.32 5.01
CA SER A 50 8.00 17.09 6.23
C SER A 50 8.61 16.28 7.38
N GLU A 51 9.91 16.48 7.62
CA GLU A 51 10.67 15.54 8.43
C GLU A 51 10.34 15.57 9.93
N ASP A 52 10.12 16.75 10.51
CA ASP A 52 9.77 16.81 11.93
C ASP A 52 8.41 16.14 12.20
N GLU A 53 7.43 16.40 11.34
CA GLU A 53 6.15 15.74 11.47
C GLU A 53 6.30 14.22 11.28
N PHE A 54 7.07 13.79 10.28
CA PHE A 54 7.25 12.37 10.09
C PHE A 54 7.91 11.71 11.30
N ILE A 55 8.94 12.36 11.85
CA ILE A 55 9.65 11.76 12.97
C ILE A 55 8.73 11.56 14.18
N GLU A 56 7.89 12.54 14.49
CA GLU A 56 6.91 12.35 15.56
C GLU A 56 5.96 11.19 15.23
N GLU A 57 5.51 11.11 13.98
CA GLU A 57 4.63 10.01 13.58
C GLU A 57 5.33 8.64 13.60
N ALA A 58 6.64 8.63 13.34
CA ALA A 58 7.40 7.37 13.41
C ALA A 58 7.25 6.70 14.77
N LYS A 59 7.11 7.51 15.81
CA LYS A 59 6.93 6.97 17.15
C LYS A 59 5.64 6.13 17.23
N VAL A 60 4.61 6.60 16.54
CA VAL A 60 3.35 5.86 16.44
C VAL A 60 3.48 4.63 15.55
N MET A 61 4.17 4.78 14.43
CA MET A 61 4.31 3.68 13.50
C MET A 61 5.14 2.56 14.16
N MET A 62 6.04 2.91 15.07
CA MET A 62 6.89 1.92 15.78
C MET A 62 6.03 0.88 16.48
N ASN A 63 4.84 1.31 16.91
CA ASN A 63 3.94 0.46 17.68
C ASN A 63 2.96 -0.32 16.81
N LEU A 64 2.97 -0.08 15.51
CA LEU A 64 2.17 -0.89 14.60
C LEU A 64 3.02 -2.10 14.27
N SER A 65 2.47 -3.29 14.52
N SER A 65 2.45 -3.29 14.51
CA SER A 65 3.18 -4.53 14.23
CA SER A 65 3.15 -4.54 14.29
C SER A 65 2.18 -5.62 13.88
C SER A 65 2.10 -5.57 13.86
N HIS A 66 2.29 -6.11 12.66
CA HIS A 66 1.44 -7.16 12.16
C HIS A 66 2.25 -7.90 11.11
N GLU A 67 2.04 -9.21 11.00
CA GLU A 67 2.82 -10.04 10.10
C GLU A 67 2.68 -9.60 8.63
N LYS A 68 1.58 -8.93 8.28
CA LYS A 68 1.37 -8.55 6.89
C LYS A 68 1.60 -7.05 6.65
N LEU A 69 2.22 -6.41 7.63
N LEU A 69 2.13 -6.37 7.67
CA LEU A 69 2.58 -5.00 7.56
CA LEU A 69 2.59 -4.99 7.55
C LEU A 69 4.10 -4.91 7.55
C LEU A 69 4.11 -4.98 7.51
N VAL A 70 4.69 -4.19 6.61
CA VAL A 70 6.14 -4.03 6.58
C VAL A 70 6.56 -3.29 7.86
N GLN A 71 7.40 -3.93 8.66
CA GLN A 71 7.72 -3.41 9.98
C GLN A 71 8.67 -2.22 9.88
N LEU A 72 8.34 -1.14 10.59
CA LEU A 72 9.26 -0.05 10.79
C LEU A 72 10.16 -0.41 11.96
N TYR A 73 11.48 -0.36 11.76
CA TYR A 73 12.42 -0.67 12.82
C TYR A 73 12.90 0.57 13.54
N GLY A 74 12.95 1.70 12.82
CA GLY A 74 13.39 2.97 13.39
C GLY A 74 13.83 3.95 12.33
N VAL A 75 14.33 5.09 12.76
N VAL A 75 14.34 5.09 12.77
CA VAL A 75 14.73 6.15 11.88
CA VAL A 75 14.73 6.15 11.88
C VAL A 75 16.14 6.61 12.26
C VAL A 75 16.11 6.69 12.27
N CYS A 76 16.87 7.15 11.28
CA CYS A 76 18.17 7.78 11.54
C CYS A 76 18.00 9.24 11.20
N THR A 77 17.94 10.10 12.21
CA THR A 77 17.57 11.49 11.95
C THR A 77 18.60 12.52 12.37
N LYS A 78 19.78 12.08 12.81
CA LYS A 78 20.78 13.02 13.29
C LYS A 78 21.54 13.68 12.14
N GLN A 79 21.42 13.15 10.94
CA GLN A 79 22.05 13.77 9.78
C GLN A 79 21.11 13.73 8.59
N ARG A 80 21.53 14.30 7.47
CA ARG A 80 20.77 14.19 6.23
C ARG A 80 21.62 13.60 5.09
N PRO A 81 20.96 12.81 4.24
CA PRO A 81 19.53 12.59 4.39
C PRO A 81 19.19 11.70 5.58
N ILE A 82 17.97 11.83 6.10
CA ILE A 82 17.52 10.91 7.15
C ILE A 82 17.22 9.55 6.52
N PHE A 83 17.29 8.49 7.32
CA PHE A 83 16.96 7.13 6.86
C PHE A 83 15.74 6.60 7.56
N ILE A 84 14.91 5.85 6.85
CA ILE A 84 13.88 5.01 7.45
C ILE A 84 14.31 3.55 7.30
N ILE A 85 14.35 2.84 8.42
CA ILE A 85 14.84 1.46 8.45
C ILE A 85 13.66 0.53 8.61
N THR A 86 13.49 -0.40 7.69
CA THR A 86 12.33 -1.29 7.69
C THR A 86 12.72 -2.73 7.45
N GLU A 87 11.73 -3.59 7.63
CA GLU A 87 11.80 -4.97 7.24
C GLU A 87 12.22 -5.08 5.77
N TYR A 88 13.02 -6.10 5.46
CA TYR A 88 13.49 -6.37 4.12
C TYR A 88 12.54 -7.31 3.40
N MET A 89 12.23 -6.96 2.16
CA MET A 89 11.26 -7.68 1.34
C MET A 89 11.95 -8.04 0.02
N ALA A 90 12.46 -9.26 -0.04
CA ALA A 90 13.45 -9.63 -1.05
C ALA A 90 12.91 -9.66 -2.47
N ASN A 91 11.60 -9.84 -2.62
CA ASN A 91 11.01 -9.90 -3.95
C ASN A 91 10.41 -8.59 -4.45
N GLY A 92 10.60 -7.54 -3.69
CA GLY A 92 10.38 -6.20 -4.21
C GLY A 92 8.92 -5.77 -4.31
N CYS A 93 8.68 -4.81 -5.18
N CYS A 93 8.65 -4.75 -5.12
CA CYS A 93 7.37 -4.19 -5.32
CA CYS A 93 7.31 -4.20 -5.15
C CYS A 93 6.32 -5.18 -5.89
C CYS A 93 6.32 -5.11 -5.87
N LEU A 94 5.14 -5.21 -5.29
CA LEU A 94 4.07 -6.10 -5.77
C LEU A 94 3.72 -5.85 -7.24
N LEU A 95 3.66 -4.58 -7.65
CA LEU A 95 3.24 -4.28 -9.00
C LEU A 95 4.18 -4.94 -10.01
N ASN A 96 5.47 -4.81 -9.78
N ASN A 96 5.47 -4.81 -9.78
CA ASN A 96 6.47 -5.44 -10.67
CA ASN A 96 6.46 -5.43 -10.68
C ASN A 96 6.36 -6.95 -10.65
C ASN A 96 6.38 -6.95 -10.65
N TYR A 97 6.12 -7.51 -9.47
CA TYR A 97 6.02 -8.96 -9.27
C TYR A 97 4.83 -9.51 -10.08
N LEU A 98 3.68 -8.84 -9.99
CA LEU A 98 2.51 -9.22 -10.76
C LEU A 98 2.76 -9.23 -12.26
N ARG A 99 3.60 -8.29 -12.72
CA ARG A 99 3.78 -8.10 -14.15
C ARG A 99 4.75 -9.10 -14.74
N GLU A 100 5.47 -9.82 -13.90
CA GLU A 100 6.38 -10.86 -14.38
C GLU A 100 5.60 -12.13 -14.70
N MET A 101 5.37 -12.37 -15.98
CA MET A 101 4.51 -13.47 -16.39
C MET A 101 5.14 -14.84 -16.13
N ARG A 102 6.45 -14.89 -15.92
CA ARG A 102 7.09 -16.17 -15.61
C ARG A 102 6.47 -16.86 -14.39
N HIS A 103 5.92 -16.10 -13.43
CA HIS A 103 5.39 -16.71 -12.21
C HIS A 103 4.20 -17.64 -12.50
N ARG A 104 3.47 -17.37 -13.57
CA ARG A 104 2.37 -18.25 -13.96
C ARG A 104 1.46 -18.52 -12.76
N PHE A 105 0.97 -17.43 -12.18
CA PHE A 105 0.23 -17.52 -10.93
C PHE A 105 -1.06 -18.31 -11.09
N GLN A 106 -1.37 -19.12 -10.08
CA GLN A 106 -2.71 -19.67 -9.93
C GLN A 106 -3.61 -18.64 -9.28
N THR A 107 -4.92 -18.73 -9.52
CA THR A 107 -5.82 -17.75 -8.92
C THR A 107 -5.85 -17.88 -7.41
N GLN A 108 -5.57 -19.07 -6.86
CA GLN A 108 -5.48 -19.23 -5.42
C GLN A 108 -4.34 -18.39 -4.86
N GLN A 109 -3.24 -18.26 -5.60
CA GLN A 109 -2.13 -17.40 -5.16
C GLN A 109 -2.55 -15.93 -5.18
N LEU A 110 -3.28 -15.53 -6.21
CA LEU A 110 -3.77 -14.15 -6.31
C LEU A 110 -4.69 -13.85 -5.14
N LEU A 111 -5.58 -14.78 -4.79
CA LEU A 111 -6.50 -14.56 -3.67
C LEU A 111 -5.73 -14.45 -2.35
N GLU A 112 -4.69 -15.26 -2.21
CA GLU A 112 -3.86 -15.18 -1.01
C GLU A 112 -3.15 -13.83 -0.90
N MET A 113 -2.72 -13.24 -2.02
CA MET A 113 -2.14 -11.90 -1.97
C MET A 113 -3.18 -10.90 -1.48
N CYS A 114 -4.40 -11.04 -1.98
CA CYS A 114 -5.48 -10.16 -1.50
C CYS A 114 -5.73 -10.33 -0.01
N LYS A 115 -5.71 -11.57 0.47
CA LYS A 115 -5.92 -11.84 1.88
C LYS A 115 -4.80 -11.26 2.73
N ASP A 116 -3.55 -11.38 2.27
CA ASP A 116 -2.41 -10.79 2.97
C ASP A 116 -2.67 -9.31 3.21
N VAL A 117 -3.00 -8.61 2.14
CA VAL A 117 -3.23 -7.17 2.23
C VAL A 117 -4.44 -6.87 3.11
N CYS A 118 -5.51 -7.66 2.95
CA CYS A 118 -6.72 -7.42 3.74
C CYS A 118 -6.46 -7.59 5.23
N GLU A 119 -5.63 -8.55 5.60
CA GLU A 119 -5.28 -8.75 7.01
C GLU A 119 -4.53 -7.54 7.56
N ALA A 120 -3.58 -7.02 6.79
CA ALA A 120 -2.84 -5.84 7.20
C ALA A 120 -3.79 -4.66 7.39
N MET A 121 -4.71 -4.51 6.46
CA MET A 121 -5.64 -3.38 6.49
C MET A 121 -6.66 -3.52 7.62
N GLU A 122 -7.11 -4.73 7.90
N GLU A 122 -7.09 -4.74 7.90
CA GLU A 122 -7.99 -4.95 9.05
CA GLU A 122 -7.98 -5.00 9.03
C GLU A 122 -7.27 -4.54 10.34
C GLU A 122 -7.30 -4.61 10.35
N TYR A 123 -5.99 -4.89 10.44
CA TYR A 123 -5.21 -4.47 11.59
C TYR A 123 -5.10 -2.94 11.67
N LEU A 124 -4.73 -2.30 10.58
CA LEU A 124 -4.68 -0.83 10.58
C LEU A 124 -6.04 -0.23 10.95
N GLU A 125 -7.12 -0.77 10.41
CA GLU A 125 -8.46 -0.27 10.72
C GLU A 125 -8.77 -0.42 12.21
N SER A 126 -8.30 -1.52 12.81
CA SER A 126 -8.52 -1.75 14.25
C SER A 126 -7.76 -0.73 15.09
N LYS A 127 -6.75 -0.10 14.51
CA LYS A 127 -5.98 0.92 15.21
C LYS A 127 -6.38 2.33 14.73
N GLN A 128 -7.48 2.45 13.99
N GLN A 128 -7.48 2.41 13.97
CA GLN A 128 -7.91 3.75 13.48
CA GLN A 128 -7.99 3.66 13.37
C GLN A 128 -6.77 4.43 12.73
C GLN A 128 -6.95 4.41 12.53
N PHE A 129 -6.05 3.65 11.92
CA PHE A 129 -4.93 4.19 11.16
C PHE A 129 -5.23 4.01 9.66
N LEU A 130 -5.30 5.11 8.93
CA LEU A 130 -5.53 5.04 7.48
C LEU A 130 -4.24 4.88 6.70
N HIS A 131 -4.26 4.09 5.64
CA HIS A 131 -3.10 4.02 4.77
C HIS A 131 -2.96 5.32 3.99
N ARG A 132 -4.07 5.74 3.38
CA ARG A 132 -4.18 6.97 2.59
C ARG A 132 -3.60 6.91 1.17
N ASP A 133 -2.87 5.87 0.81
CA ASP A 133 -2.43 5.68 -0.57
C ASP A 133 -2.23 4.19 -0.88
N LEU A 134 -3.23 3.39 -0.58
CA LEU A 134 -3.11 1.95 -0.80
C LEU A 134 -3.20 1.66 -2.30
N ALA A 135 -2.28 0.83 -2.78
CA ALA A 135 -2.16 0.50 -4.20
C ALA A 135 -1.09 -0.56 -4.31
N ALA A 136 -1.06 -1.31 -5.40
CA ALA A 136 -0.04 -2.35 -5.56
C ALA A 136 1.39 -1.79 -5.49
N ARG A 137 1.57 -0.56 -5.97
N ARG A 137 1.58 -0.57 -5.98
CA ARG A 137 2.89 0.07 -5.96
CA ARG A 137 2.91 0.03 -5.97
C ARG A 137 3.39 0.32 -4.52
C ARG A 137 3.40 0.25 -4.52
N ASN A 138 2.49 0.24 -3.56
CA ASN A 138 2.82 0.42 -2.14
C ASN A 138 2.71 -0.87 -1.34
N CYS A 139 2.81 -2.00 -2.03
CA CYS A 139 2.92 -3.28 -1.37
C CYS A 139 4.23 -3.93 -1.80
N LEU A 140 4.76 -4.79 -0.93
CA LEU A 140 6.03 -5.45 -1.18
C LEU A 140 5.87 -6.96 -0.98
N VAL A 141 6.83 -7.72 -1.51
CA VAL A 141 6.75 -9.18 -1.49
C VAL A 141 8.03 -9.74 -0.89
N ASN A 142 7.92 -10.63 0.09
CA ASN A 142 9.13 -11.20 0.69
C ASN A 142 9.59 -12.47 -0.01
N ASP A 143 10.66 -13.08 0.51
CA ASP A 143 11.28 -14.25 -0.10
C ASP A 143 10.38 -15.47 -0.12
N GLN A 144 9.33 -15.44 0.68
CA GLN A 144 8.36 -16.54 0.77
C GLN A 144 7.10 -16.27 -0.05
N GLY A 145 7.08 -15.16 -0.77
CA GLY A 145 5.92 -14.83 -1.57
C GLY A 145 4.79 -14.15 -0.82
N VAL A 146 5.02 -13.79 0.44
CA VAL A 146 4.01 -13.13 1.25
C VAL A 146 4.00 -11.65 0.89
N VAL A 147 2.81 -11.11 0.67
CA VAL A 147 2.64 -9.69 0.37
C VAL A 147 2.42 -8.92 1.66
N LYS A 148 3.09 -7.78 1.80
CA LYS A 148 2.88 -6.92 2.96
C LYS A 148 2.66 -5.49 2.53
N VAL A 149 1.90 -4.78 3.35
CA VAL A 149 1.54 -3.39 3.07
C VAL A 149 2.65 -2.45 3.57
N SER A 150 3.01 -1.48 2.74
N SER A 150 3.08 -1.52 2.73
CA SER A 150 4.18 -0.64 2.93
CA SER A 150 4.19 -0.64 3.09
C SER A 150 3.80 0.85 2.95
C SER A 150 3.86 0.84 2.90
N ASP A 151 4.63 1.66 3.61
CA ASP A 151 4.53 3.13 3.55
C ASP A 151 3.15 3.66 3.94
N PHE A 152 2.51 2.96 4.86
CA PHE A 152 1.20 3.37 5.38
C PHE A 152 1.29 4.74 6.04
N GLY A 153 0.40 5.63 5.62
CA GLY A 153 0.33 6.99 6.12
C GLY A 153 1.38 7.97 5.64
N LEU A 154 2.35 7.49 4.86
N LEU A 154 2.38 7.50 4.90
CA LEU A 154 3.52 8.30 4.56
CA LEU A 154 3.52 8.37 4.59
C LEU A 154 3.19 9.48 3.64
C LEU A 154 3.17 9.53 3.66
N SER A 155 2.08 9.40 2.91
CA SER A 155 1.70 10.46 1.98
C SER A 155 1.42 11.78 2.71
N ARG A 156 1.13 11.71 4.00
CA ARG A 156 0.84 12.92 4.78
C ARG A 156 2.06 13.84 4.90
N TYR A 157 3.24 13.31 4.61
CA TYR A 157 4.49 14.03 4.86
C TYR A 157 5.20 14.40 3.55
N VAL A 158 4.54 14.17 2.43
CA VAL A 158 5.11 14.50 1.12
C VAL A 158 4.93 15.99 0.81
N LEU A 159 6.03 16.66 0.48
CA LEU A 159 5.99 18.11 0.25
C LEU A 159 5.71 18.49 -1.21
N ASP A 160 5.87 17.55 -2.13
CA ASP A 160 5.61 17.80 -3.55
C ASP A 160 4.11 17.88 -3.79
N ASP A 161 3.59 19.10 -3.93
CA ASP A 161 2.14 19.29 -4.02
C ASP A 161 1.50 18.57 -5.22
N GLU A 162 2.30 18.14 -6.19
CA GLU A 162 1.76 17.37 -7.31
C GLU A 162 1.21 16.03 -6.85
N TYR A 163 1.69 15.55 -5.71
CA TYR A 163 1.24 14.28 -5.15
C TYR A 163 0.09 14.45 -4.16
N THR A 164 -0.09 15.65 -3.63
CA THR A 164 -0.80 15.83 -2.37
C THR A 164 -2.28 16.21 -2.46
N SER A 165 -2.72 16.67 -3.63
CA SER A 165 -4.14 16.95 -3.84
C SER A 165 -4.57 16.54 -5.25
N SER A 166 -5.87 16.36 -5.43
CA SER A 166 -6.42 15.94 -6.71
C SER A 166 -6.09 16.97 -7.78
N VAL A 167 -5.88 18.21 -7.37
CA VAL A 167 -5.47 19.26 -8.28
C VAL A 167 -4.01 19.04 -8.67
N GLY A 168 -3.50 17.87 -8.33
CA GLY A 168 -2.09 17.54 -8.57
C GLY A 168 -1.88 16.48 -9.64
N SER A 169 -0.79 16.61 -10.38
CA SER A 169 -0.53 15.76 -11.53
C SER A 169 -0.13 14.34 -11.17
N LYS A 170 0.25 14.10 -9.91
CA LYS A 170 0.67 12.77 -9.47
C LYS A 170 -0.18 12.20 -8.34
N PHE A 171 -1.37 12.75 -8.16
CA PHE A 171 -2.33 12.27 -7.18
C PHE A 171 -2.90 10.91 -7.64
N PRO A 172 -3.16 9.99 -6.69
CA PRO A 172 -3.67 8.66 -7.07
C PRO A 172 -5.16 8.64 -7.41
N VAL A 173 -5.50 9.36 -8.47
CA VAL A 173 -6.86 9.47 -8.95
C VAL A 173 -7.48 8.09 -9.15
N ARG A 174 -6.72 7.17 -9.77
CA ARG A 174 -7.27 5.86 -10.15
C ARG A 174 -7.55 4.94 -8.95
N TRP A 175 -7.14 5.35 -7.75
CA TRP A 175 -7.41 4.59 -6.52
C TRP A 175 -8.32 5.35 -5.57
N SER A 176 -8.98 6.40 -6.05
CA SER A 176 -9.75 7.29 -5.18
C SER A 176 -11.26 7.23 -5.40
N PRO A 177 -12.05 7.21 -4.33
CA PRO A 177 -13.50 7.21 -4.47
C PRO A 177 -14.04 8.59 -4.84
N PRO A 178 -15.30 8.62 -5.26
CA PRO A 178 -15.87 9.91 -5.68
C PRO A 178 -15.75 11.01 -4.63
N GLU A 179 -15.97 10.69 -3.36
CA GLU A 179 -15.98 11.75 -2.36
C GLU A 179 -14.58 12.33 -2.11
N VAL A 180 -13.52 11.55 -2.41
CA VAL A 180 -12.18 12.09 -2.38
C VAL A 180 -11.96 13.01 -3.58
N LEU A 181 -12.30 12.55 -4.78
CA LEU A 181 -12.09 13.38 -5.96
C LEU A 181 -12.93 14.64 -5.95
N MET A 182 -14.14 14.56 -5.41
CA MET A 182 -15.07 15.69 -5.41
C MET A 182 -14.81 16.67 -4.26
N TYR A 183 -14.49 16.15 -3.07
CA TYR A 183 -14.54 16.95 -1.85
C TYR A 183 -13.38 16.73 -0.90
N SER A 184 -12.44 15.87 -1.26
CA SER A 184 -11.30 15.54 -0.40
C SER A 184 -11.75 14.92 0.92
N LYS A 185 -12.78 14.08 0.86
CA LYS A 185 -13.23 13.40 2.07
C LYS A 185 -12.56 12.02 2.23
N PHE A 186 -11.52 11.98 3.04
CA PHE A 186 -10.79 10.75 3.34
C PHE A 186 -11.39 10.10 4.56
N SER A 187 -11.41 8.77 4.56
CA SER A 187 -11.97 8.02 5.67
C SER A 187 -11.54 6.55 5.54
N SER A 188 -11.95 5.73 6.48
CA SER A 188 -11.74 4.30 6.34
C SER A 188 -12.27 3.85 5.00
N LYS A 189 -13.38 4.43 4.54
CA LYS A 189 -14.01 3.99 3.32
C LYS A 189 -13.27 4.40 2.03
N SER A 190 -12.35 5.36 2.12
CA SER A 190 -11.50 5.64 0.97
C SER A 190 -10.37 4.59 0.90
N ASP A 191 -9.93 4.07 2.04
CA ASP A 191 -9.01 2.93 2.03
C ASP A 191 -9.72 1.70 1.47
N ILE A 192 -10.99 1.51 1.83
CA ILE A 192 -11.76 0.36 1.31
C ILE A 192 -11.82 0.43 -0.21
N TRP A 193 -12.16 1.60 -0.74
CA TRP A 193 -12.23 1.76 -2.19
C TRP A 193 -10.91 1.39 -2.85
N ALA A 194 -9.81 1.93 -2.32
CA ALA A 194 -8.47 1.67 -2.82
C ALA A 194 -8.16 0.18 -2.77
N PHE A 195 -8.56 -0.49 -1.71
CA PHE A 195 -8.34 -1.93 -1.62
C PHE A 195 -9.04 -2.69 -2.74
N GLY A 196 -10.27 -2.29 -3.09
CA GLY A 196 -10.93 -2.90 -4.23
C GLY A 196 -10.13 -2.73 -5.52
N VAL A 197 -9.60 -1.54 -5.74
CA VAL A 197 -8.78 -1.30 -6.92
C VAL A 197 -7.52 -2.17 -6.87
N LEU A 198 -6.92 -2.32 -5.69
N LEU A 198 -6.94 -2.32 -5.69
CA LEU A 198 -5.76 -3.19 -5.54
CA LEU A 198 -5.78 -3.17 -5.51
C LEU A 198 -6.10 -4.63 -5.87
C LEU A 198 -6.10 -4.62 -5.85
N MET A 199 -7.26 -5.12 -5.42
CA MET A 199 -7.70 -6.45 -5.82
C MET A 199 -7.76 -6.55 -7.35
N TRP A 200 -8.29 -5.50 -7.98
CA TRP A 200 -8.36 -5.46 -9.44
C TRP A 200 -6.94 -5.52 -10.04
N GLU A 201 -5.99 -4.78 -9.46
CA GLU A 201 -4.63 -4.81 -9.97
C GLU A 201 -4.05 -6.20 -9.89
N ILE A 202 -4.28 -6.88 -8.77
CA ILE A 202 -3.76 -8.24 -8.56
C ILE A 202 -4.34 -9.19 -9.60
N TYR A 203 -5.66 -9.20 -9.74
CA TYR A 203 -6.32 -10.12 -10.67
C TYR A 203 -6.07 -9.78 -12.13
N SER A 204 -5.64 -8.55 -12.39
N SER A 204 -5.62 -8.56 -12.40
CA SER A 204 -5.27 -8.11 -13.72
CA SER A 204 -5.28 -8.15 -13.75
C SER A 204 -3.78 -8.27 -14.02
C SER A 204 -3.77 -8.29 -14.03
N LEU A 205 -3.06 -8.91 -13.11
CA LEU A 205 -1.61 -9.10 -13.24
C LEU A 205 -0.91 -7.77 -13.48
N GLY A 206 -1.37 -6.73 -12.79
CA GLY A 206 -0.63 -5.48 -12.75
C GLY A 206 -0.93 -4.47 -13.85
N LYS A 207 -2.04 -4.65 -14.54
CA LYS A 207 -2.48 -3.60 -15.46
C LYS A 207 -2.76 -2.31 -14.70
N MET A 208 -2.60 -1.18 -15.37
N MET A 208 -2.60 -1.19 -15.39
CA MET A 208 -3.02 0.09 -14.80
CA MET A 208 -3.05 0.09 -14.90
C MET A 208 -4.54 0.19 -14.82
C MET A 208 -4.58 0.09 -14.81
N PRO A 209 -5.15 0.53 -13.68
CA PRO A 209 -6.59 0.68 -13.63
C PRO A 209 -7.03 1.77 -14.61
N TYR A 210 -8.14 1.52 -15.30
CA TYR A 210 -8.65 2.44 -16.34
C TYR A 210 -7.57 2.74 -17.39
N GLU A 211 -6.97 1.68 -17.93
CA GLU A 211 -5.70 1.81 -18.65
C GLU A 211 -5.79 2.66 -19.91
N ARG A 212 -6.97 2.76 -20.49
CA ARG A 212 -7.13 3.57 -21.70
C ARG A 212 -7.58 5.01 -21.45
N PHE A 213 -7.76 5.37 -20.18
CA PHE A 213 -8.25 6.69 -19.79
C PHE A 213 -7.12 7.51 -19.17
N THR A 214 -7.23 8.83 -19.27
CA THR A 214 -6.39 9.72 -18.47
C THR A 214 -6.96 9.80 -17.04
N ASN A 215 -6.22 10.43 -16.15
CA ASN A 215 -6.73 10.69 -14.80
C ASN A 215 -8.01 11.52 -14.86
N SER A 216 -8.03 12.54 -15.69
N SER A 216 -8.06 12.55 -15.68
N SER A 216 -8.05 12.55 -15.69
CA SER A 216 -9.20 13.41 -15.80
CA SER A 216 -9.25 13.39 -15.71
CA SER A 216 -9.23 13.39 -15.74
C SER A 216 -10.42 12.61 -16.24
C SER A 216 -10.45 12.60 -16.24
C SER A 216 -10.44 12.60 -16.24
N GLU A 217 -10.23 11.75 -17.24
CA GLU A 217 -11.28 10.90 -17.75
C GLU A 217 -11.75 9.88 -16.71
N THR A 218 -10.81 9.35 -15.93
CA THR A 218 -11.13 8.42 -14.87
C THR A 218 -12.02 9.08 -13.83
N ALA A 219 -11.67 10.30 -13.43
CA ALA A 219 -12.46 11.02 -12.44
C ALA A 219 -13.90 11.21 -12.92
N GLU A 220 -14.07 11.57 -14.19
CA GLU A 220 -15.40 11.73 -14.77
C GLU A 220 -16.17 10.41 -14.79
N HIS A 221 -15.51 9.36 -15.21
CA HIS A 221 -16.09 8.02 -15.30
C HIS A 221 -16.63 7.61 -13.95
N ILE A 222 -15.83 7.73 -12.90
CA ILE A 222 -16.26 7.20 -11.61
C ILE A 222 -17.26 8.12 -10.91
N ALA A 223 -17.15 9.42 -11.14
CA ALA A 223 -18.09 10.35 -10.55
C ALA A 223 -19.48 10.17 -11.19
N GLN A 224 -19.51 9.69 -12.45
CA GLN A 224 -20.73 9.36 -13.19
C GLN A 224 -21.28 7.98 -12.85
N GLY A 225 -20.66 7.31 -11.89
CA GLY A 225 -21.18 6.03 -11.39
C GLY A 225 -20.64 4.79 -12.07
N LEU A 226 -19.75 4.97 -13.05
CA LEU A 226 -19.16 3.84 -13.76
C LEU A 226 -17.92 3.33 -13.02
N ARG A 227 -17.52 2.11 -13.35
CA ARG A 227 -16.54 1.39 -12.58
C ARG A 227 -15.59 0.59 -13.47
N LEU A 228 -14.53 0.07 -12.86
CA LEU A 228 -13.75 -0.98 -13.45
C LEU A 228 -14.65 -2.16 -13.69
N TYR A 229 -14.26 -3.04 -14.61
CA TYR A 229 -15.01 -4.27 -14.79
C TYR A 229 -14.13 -5.49 -14.52
N ARG A 230 -14.71 -6.67 -14.68
CA ARG A 230 -14.14 -7.89 -14.12
C ARG A 230 -12.86 -8.36 -14.82
N PRO A 231 -11.75 -8.48 -14.09
CA PRO A 231 -10.58 -9.10 -14.70
C PRO A 231 -10.86 -10.55 -15.09
N HIS A 232 -10.27 -10.97 -16.19
CA HIS A 232 -10.47 -12.32 -16.71
C HIS A 232 -10.20 -13.42 -15.68
N LEU A 233 -9.23 -13.20 -14.81
CA LEU A 233 -8.84 -14.20 -13.82
C LEU A 233 -9.73 -14.21 -12.59
N ALA A 234 -10.61 -13.22 -12.45
CA ALA A 234 -11.46 -13.14 -11.27
C ALA A 234 -12.74 -13.93 -11.48
N SER A 235 -13.06 -14.83 -10.55
CA SER A 235 -14.37 -15.49 -10.56
C SER A 235 -15.45 -14.47 -10.25
N GLU A 236 -16.70 -14.86 -10.46
N GLU A 236 -16.71 -14.85 -10.45
CA GLU A 236 -17.82 -13.99 -10.11
CA GLU A 236 -17.80 -13.95 -10.14
C GLU A 236 -17.77 -13.59 -8.64
C GLU A 236 -17.81 -13.60 -8.65
N LYS A 237 -17.46 -14.56 -7.78
CA LYS A 237 -17.42 -14.29 -6.34
C LYS A 237 -16.31 -13.30 -5.98
N VAL A 238 -15.14 -13.44 -6.61
CA VAL A 238 -14.05 -12.51 -6.37
C VAL A 238 -14.41 -11.11 -6.89
N TYR A 239 -15.03 -11.06 -8.06
CA TYR A 239 -15.46 -9.78 -8.62
C TYR A 239 -16.45 -9.07 -7.70
N THR A 240 -17.38 -9.85 -7.16
CA THR A 240 -18.37 -9.29 -6.23
C THR A 240 -17.69 -8.62 -5.05
N ILE A 241 -16.65 -9.24 -4.51
CA ILE A 241 -15.92 -8.67 -3.39
C ILE A 241 -15.24 -7.34 -3.78
N MET A 242 -14.50 -7.32 -4.89
CA MET A 242 -13.82 -6.06 -5.23
C MET A 242 -14.85 -4.97 -5.56
N TYR A 243 -15.94 -5.37 -6.23
CA TYR A 243 -16.95 -4.42 -6.66
C TYR A 243 -17.66 -3.81 -5.44
N SER A 244 -17.80 -4.57 -4.37
CA SER A 244 -18.46 -4.07 -3.17
C SER A 244 -17.70 -2.90 -2.56
N CYS A 245 -16.41 -2.81 -2.85
CA CYS A 245 -15.59 -1.72 -2.34
C CYS A 245 -15.88 -0.40 -3.03
N TRP A 246 -16.67 -0.41 -4.10
CA TRP A 246 -16.84 0.78 -4.93
C TRP A 246 -18.25 1.36 -4.88
N HIS A 247 -19.02 1.03 -3.84
N HIS A 247 -19.01 1.05 -3.84
CA HIS A 247 -20.34 1.64 -3.69
CA HIS A 247 -20.33 1.63 -3.73
C HIS A 247 -20.18 3.15 -3.77
C HIS A 247 -20.22 3.15 -3.71
N GLU A 248 -21.09 3.82 -4.47
CA GLU A 248 -21.06 5.28 -4.51
C GLU A 248 -21.19 5.88 -3.11
N LYS A 249 -22.03 5.26 -2.28
CA LYS A 249 -22.21 5.70 -0.89
C LYS A 249 -21.17 5.04 0.00
N ALA A 250 -20.29 5.85 0.57
CA ALA A 250 -19.19 5.31 1.36
C ALA A 250 -19.67 4.39 2.48
N ASP A 251 -20.79 4.75 3.12
N ASP A 251 -20.78 4.77 3.13
CA ASP A 251 -21.27 3.98 4.27
CA ASP A 251 -21.30 4.02 4.27
C ASP A 251 -21.93 2.65 3.86
C ASP A 251 -21.69 2.59 3.91
N GLU A 252 -21.99 2.38 2.57
N GLU A 252 -22.03 2.37 2.64
CA GLU A 252 -22.49 1.10 2.08
CA GLU A 252 -22.48 1.06 2.17
C GLU A 252 -21.33 0.15 1.77
C GLU A 252 -21.33 0.19 1.68
N ARG A 253 -20.11 0.68 1.83
CA ARG A 253 -18.92 -0.13 1.57
C ARG A 253 -18.61 -0.96 2.81
N PRO A 254 -18.12 -2.17 2.61
CA PRO A 254 -17.77 -3.02 3.76
C PRO A 254 -16.62 -2.46 4.59
N THR A 255 -16.40 -3.06 5.76
CA THR A 255 -15.19 -2.91 6.54
C THR A 255 -14.15 -3.94 6.11
N PHE A 256 -12.92 -3.77 6.58
CA PHE A 256 -11.89 -4.75 6.26
C PHE A 256 -12.15 -6.09 6.95
N LYS A 257 -12.78 -6.06 8.12
CA LYS A 257 -13.19 -7.30 8.78
C LYS A 257 -14.16 -8.10 7.92
N ILE A 258 -15.14 -7.41 7.37
CA ILE A 258 -16.11 -8.05 6.48
C ILE A 258 -15.45 -8.56 5.19
N LEU A 259 -14.60 -7.74 4.58
CA LEU A 259 -13.89 -8.19 3.40
C LEU A 259 -13.05 -9.43 3.69
N LEU A 260 -12.40 -9.46 4.85
CA LEU A 260 -11.60 -10.63 5.19
C LEU A 260 -12.48 -11.88 5.26
N SER A 261 -13.63 -11.75 5.89
N SER A 261 -13.62 -11.74 5.90
CA SER A 261 -14.54 -12.87 6.00
CA SER A 261 -14.56 -12.83 6.02
C SER A 261 -14.96 -13.33 4.61
C SER A 261 -14.99 -13.31 4.64
N ASN A 262 -15.25 -12.38 3.75
CA ASN A 262 -15.69 -12.69 2.40
C ASN A 262 -14.60 -13.39 1.61
N ILE A 263 -13.36 -12.94 1.77
CA ILE A 263 -12.23 -13.55 1.08
C ILE A 263 -11.98 -14.99 1.57
N LEU A 264 -12.05 -15.18 2.88
CA LEU A 264 -11.90 -16.53 3.44
C LEU A 264 -12.98 -17.48 2.93
N ASP A 265 -14.21 -16.98 2.82
CA ASP A 265 -15.31 -17.80 2.36
C ASP A 265 -15.05 -18.23 0.92
N VAL A 266 -14.61 -17.32 0.07
CA VAL A 266 -14.32 -17.68 -1.31
C VAL A 266 -13.13 -18.63 -1.39
N MET A 267 -12.10 -18.42 -0.58
N MET A 267 -12.12 -18.41 -0.55
CA MET A 267 -11.01 -19.38 -0.54
CA MET A 267 -10.99 -19.31 -0.48
C MET A 267 -11.55 -20.77 -0.27
C MET A 267 -11.40 -20.75 -0.15
N ASP A 268 -12.37 -20.88 0.75
CA ASP A 268 -12.89 -22.19 1.12
C ASP A 268 -13.67 -22.80 -0.04
N GLU A 269 -14.48 -21.98 -0.71
CA GLU A 269 -15.33 -22.48 -1.79
C GLU A 269 -14.55 -22.78 -3.06
N GLU A 270 -13.44 -22.10 -3.27
CA GLU A 270 -12.66 -22.23 -4.51
C GLU A 270 -11.42 -23.11 -4.35
N SER A 271 -11.17 -23.59 -3.14
CA SER A 271 -9.96 -24.36 -2.87
C SER A 271 -10.00 -25.72 -3.56
N3 GJG B . 11.40 -1.12 -1.54
C4 GJG B . 11.78 -1.83 -2.63
C5 GJG B . 11.54 -1.66 -0.30
C8 GJG B . 12.46 -3.65 -1.27
C10 GJG B . 12.31 -3.10 -2.52
C13 GJG B . 10.20 0.02 -5.31
C15 GJG B . 12.14 2.21 -4.94
O7 GJG B . 13.03 -4.53 1.20
C2 GJG B . 12.26 -3.57 1.16
N9 GJG B . 11.59 -3.11 2.19
C1 GJG B . 12.07 -2.93 -0.16
N6 GJG B . 11.66 -1.35 -3.89
C11 GJG B . 11.22 0.00 -4.17
C14 GJG B . 9.92 1.45 -5.79
C16 GJG B . 11.19 2.21 -6.13
C12 GJG B . 12.48 0.78 -4.54
#